data_6S3P
#
_entry.id   6S3P
#
_cell.length_a   60.850
_cell.length_b   64.583
_cell.length_c   144.296
_cell.angle_alpha   90.00
_cell.angle_beta   90.00
_cell.angle_gamma   90.00
#
_symmetry.space_group_name_H-M   'P 21 21 21'
#
loop_
_entity.id
_entity.type
_entity.pdbx_description
1 polymer 'PIF1 helicase'
2 polymer "DNA (5'-D(*TP*TP*TP*TP*TP*TP*TP*T)-3')"
3 water water
#
loop_
_entity_poly.entity_id
_entity_poly.type
_entity_poly.pdbx_seq_one_letter_code
_entity_poly.pdbx_strand_id
1 'polypeptide(L)'
;PEGLSSEQQRAFLAVTQTPHPAHLITGPAGTGKTTLLYALQEFYKGRAVTLAPTGTAALQARGQTVHSFFRFPARLLRYR
HPEDIRPPGPHSPLRKAIEQMEVLILDEVGMVRVDLLEAMDWALRKTRKRLEEPFGGVKVLLLGDTRQLEPVVPGGEEAL
YIARTWGGPFFFQAHVWEEVALRVHRLWESQRQREDPLFAELLKRLRQGDPQALETLNRAAVRPDGGEEPGTLILTPRRK
EADALNLKRLEALPGKPLEYQAQVKGEFAETDFPTEAALTLKKGAQVILLRNDPLGEYFNGDLGWVEDLEAEALAVRLKR
NGRRVVIRPFVWEKIVYTYDSEREEIKPQVVGTFRQVPVRLAWALTVHKAQGLTLDKVHLELGRGLFAHGQLYVALTRVR
RLQDLSLSRPIAPTELLWRPEVEVFETRIQEGIWQKSHGWPSL
;
A
2 'polydeoxyribonucleotide' (DT)(DT)(DT)(DT)(DT)(DT)(DT)(DT)(DT)(DT)(DT)(DT)(DT)(DT)(DT)(DT)(DT)(DT) B
#
# COMPACT_ATOMS: atom_id res chain seq x y z
N GLY A 3 -25.77 9.59 -6.99
CA GLY A 3 -25.05 10.02 -8.18
C GLY A 3 -23.99 9.04 -8.69
N LEU A 4 -24.38 7.77 -8.81
CA LEU A 4 -23.50 6.71 -9.26
C LEU A 4 -23.79 6.32 -10.70
N SER A 5 -22.79 5.73 -11.37
CA SER A 5 -23.05 5.16 -12.67
C SER A 5 -23.87 3.87 -12.53
N SER A 6 -24.28 3.31 -13.67
CA SER A 6 -25.02 2.05 -13.65
C SER A 6 -24.20 0.94 -13.03
N GLU A 7 -22.92 0.86 -13.40
CA GLU A 7 -22.03 -0.15 -12.83
C GLU A 7 -21.91 0.03 -11.32
N GLN A 8 -21.70 1.27 -10.88
CA GLN A 8 -21.52 1.53 -9.45
C GLN A 8 -22.80 1.25 -8.67
N GLN A 9 -23.95 1.62 -9.24
CA GLN A 9 -25.23 1.38 -8.57
C GLN A 9 -25.49 -0.11 -8.40
N ARG A 10 -25.17 -0.91 -9.42
CA ARG A 10 -25.31 -2.35 -9.30
C ARG A 10 -24.48 -2.88 -8.13
N ALA A 11 -23.22 -2.43 -8.01
CA ALA A 11 -22.39 -2.86 -6.90
C ALA A 11 -22.96 -2.34 -5.59
N PHE A 12 -23.44 -1.09 -5.59
CA PHE A 12 -23.98 -0.50 -4.37
C PHE A 12 -25.16 -1.32 -3.88
N LEU A 13 -26.07 -1.71 -4.79
CA LEU A 13 -27.26 -2.41 -4.35
C LEU A 13 -26.94 -3.85 -3.98
N ALA A 14 -25.97 -4.46 -4.68
CA ALA A 14 -25.58 -5.84 -4.43
C ALA A 14 -24.97 -5.99 -3.05
N VAL A 15 -24.38 -4.92 -2.52
CA VAL A 15 -23.73 -4.95 -1.23
C VAL A 15 -24.68 -4.53 -0.11
N THR A 16 -25.56 -3.57 -0.35
CA THR A 16 -26.38 -2.99 0.72
C THR A 16 -27.73 -3.67 0.89
N GLN A 17 -28.26 -4.34 -0.13
CA GLN A 17 -29.61 -4.90 -0.07
C GLN A 17 -29.58 -6.42 -0.01
N THR A 18 -28.60 -6.96 0.69
CA THR A 18 -28.49 -8.39 0.97
C THR A 18 -27.92 -8.56 2.37
N PRO A 19 -28.34 -9.59 3.10
CA PRO A 19 -27.70 -9.86 4.39
C PRO A 19 -26.32 -10.49 4.25
N HIS A 20 -25.93 -10.89 3.04
CA HIS A 20 -24.67 -11.61 2.89
C HIS A 20 -23.52 -10.79 3.44
N PRO A 21 -22.66 -11.34 4.29
CA PRO A 21 -21.70 -10.54 5.06
C PRO A 21 -20.30 -10.39 4.47
N ALA A 22 -20.02 -10.88 3.26
CA ALA A 22 -18.64 -10.75 2.76
C ALA A 22 -18.67 -10.44 1.27
N HIS A 23 -18.11 -9.28 0.91
CA HIS A 23 -18.19 -8.75 -0.44
C HIS A 23 -16.84 -8.19 -0.83
N LEU A 24 -16.50 -8.38 -2.11
CA LEU A 24 -15.30 -7.83 -2.72
C LEU A 24 -15.72 -7.02 -3.94
N ILE A 25 -15.45 -5.73 -3.93
CA ILE A 25 -15.71 -4.85 -5.07
C ILE A 25 -14.35 -4.52 -5.69
N THR A 26 -14.10 -5.04 -6.88
CA THR A 26 -12.77 -4.92 -7.42
C THR A 26 -12.79 -4.18 -8.75
N GLY A 27 -11.69 -3.48 -9.02
CA GLY A 27 -11.55 -2.68 -10.21
C GLY A 27 -10.26 -1.88 -10.16
N PRO A 28 -9.79 -1.41 -11.35
CA PRO A 28 -8.51 -0.66 -11.42
C PRO A 28 -8.61 0.71 -10.78
N ALA A 29 -8.71 0.73 -9.45
CA ALA A 29 -9.61 1.62 -8.74
C ALA A 29 -8.96 2.94 -8.33
N GLY A 30 -9.62 4.03 -8.73
CA GLY A 30 -9.32 5.42 -8.39
C GLY A 30 -10.66 6.10 -8.20
N THR A 31 -10.89 7.24 -8.86
CA THR A 31 -12.26 7.73 -8.99
C THR A 31 -13.12 6.62 -9.61
N GLY A 32 -14.37 6.52 -9.17
CA GLY A 32 -15.13 5.30 -9.36
C GLY A 32 -15.12 4.32 -8.19
N LYS A 33 -13.98 3.76 -7.77
CA LYS A 33 -13.97 3.11 -6.46
C LYS A 33 -14.29 4.13 -5.38
N THR A 34 -13.67 5.31 -5.48
CA THR A 34 -13.80 6.30 -4.42
C THR A 34 -15.21 6.87 -4.34
N THR A 35 -15.85 7.14 -5.49
CA THR A 35 -17.21 7.64 -5.44
C THR A 35 -18.16 6.60 -4.88
N LEU A 36 -17.92 5.31 -5.17
CA LEU A 36 -18.72 4.24 -4.59
C LEU A 36 -18.48 4.12 -3.10
N LEU A 37 -17.23 4.24 -2.68
CA LEU A 37 -16.92 4.16 -1.25
C LEU A 37 -17.64 5.26 -0.47
N TYR A 38 -17.66 6.48 -1.00
CA TYR A 38 -18.31 7.56 -0.27
C TYR A 38 -19.82 7.33 -0.17
N ALA A 39 -20.43 6.76 -1.22
CA ALA A 39 -21.86 6.43 -1.16
C ALA A 39 -22.12 5.32 -0.14
N LEU A 40 -21.24 4.34 -0.06
CA LEU A 40 -21.37 3.31 0.97
C LEU A 40 -21.21 3.90 2.36
N GLN A 41 -20.26 4.83 2.53
CA GLN A 41 -20.07 5.46 3.82
C GLN A 41 -21.31 6.27 4.21
N GLU A 42 -21.90 6.96 3.23
CA GLU A 42 -23.11 7.74 3.52
C GLU A 42 -24.29 6.84 3.87
N PHE A 43 -24.41 5.69 3.19
CA PHE A 43 -25.52 4.78 3.50
C PHE A 43 -25.42 4.24 4.93
N TYR A 44 -24.21 4.00 5.41
CA TYR A 44 -23.96 3.25 6.63
C TYR A 44 -23.73 4.10 7.87
N LYS A 45 -23.82 5.44 7.77
CA LYS A 45 -22.86 6.37 8.37
C LYS A 45 -22.31 5.94 9.73
N GLY A 46 -23.17 5.79 10.73
CA GLY A 46 -22.68 5.41 12.04
C GLY A 46 -22.20 3.97 12.10
N ARG A 47 -22.83 3.10 11.31
CA ARG A 47 -22.71 1.66 11.44
C ARG A 47 -21.44 1.09 10.82
N ALA A 48 -20.64 1.91 10.12
CA ALA A 48 -19.48 1.42 9.38
C ALA A 48 -18.20 2.10 9.84
N VAL A 49 -17.14 1.32 9.92
CA VAL A 49 -15.77 1.79 10.14
C VAL A 49 -15.01 1.54 8.84
N THR A 50 -14.29 2.57 8.34
CA THR A 50 -13.50 2.41 7.12
C THR A 50 -12.03 2.32 7.50
N LEU A 51 -11.37 1.24 7.05
CA LEU A 51 -9.96 1.01 7.32
C LEU A 51 -9.22 0.77 6.01
N ALA A 52 -7.90 0.95 6.05
CA ALA A 52 -7.04 0.73 4.91
C ALA A 52 -5.66 0.27 5.43
N PRO A 53 -4.91 -0.45 4.61
CA PRO A 53 -3.62 -0.97 5.11
C PRO A 53 -2.50 0.07 5.19
N THR A 54 -2.59 1.19 4.48
CA THR A 54 -1.54 2.21 4.50
C THR A 54 -2.14 3.56 4.87
N GLY A 55 -1.28 4.46 5.37
CA GLY A 55 -1.75 5.78 5.76
C GLY A 55 -2.30 6.57 4.58
N THR A 56 -1.64 6.50 3.43
CA THR A 56 -2.16 7.27 2.29
C THR A 56 -3.48 6.69 1.79
N ALA A 57 -3.62 5.36 1.80
CA ALA A 57 -4.90 4.80 1.40
C ALA A 57 -5.99 5.17 2.41
N ALA A 58 -5.66 5.17 3.71
CA ALA A 58 -6.64 5.57 4.72
C ALA A 58 -7.09 7.00 4.52
N LEU A 59 -6.16 7.88 4.19
CA LEU A 59 -6.50 9.27 3.88
C LEU A 59 -7.50 9.34 2.74
N GLN A 60 -7.19 8.69 1.61
CA GLN A 60 -8.09 8.73 0.45
C GLN A 60 -9.43 8.07 0.76
N ALA A 61 -9.44 7.07 1.63
CA ALA A 61 -10.67 6.37 1.99
C ALA A 61 -11.45 7.08 3.09
N ARG A 62 -11.00 8.24 3.57
CA ARG A 62 -11.60 8.88 4.73
C ARG A 62 -11.71 7.89 5.89
N GLY A 63 -10.63 7.14 6.13
CA GLY A 63 -10.62 6.17 7.20
C GLY A 63 -9.35 6.22 8.04
N GLN A 64 -9.01 5.11 8.70
CA GLN A 64 -7.77 4.99 9.47
C GLN A 64 -7.04 3.74 9.03
N THR A 65 -5.76 3.63 9.42
CA THR A 65 -5.06 2.38 9.14
C THR A 65 -5.65 1.27 9.98
N VAL A 66 -5.57 0.05 9.46
CA VAL A 66 -5.98 -1.11 10.25
C VAL A 66 -5.23 -1.16 11.56
N HIS A 67 -3.91 -0.92 11.51
CA HIS A 67 -3.11 -1.02 12.74
C HIS A 67 -3.56 0.00 13.77
N SER A 68 -3.85 1.24 13.34
CA SER A 68 -4.18 2.27 14.32
C SER A 68 -5.55 2.03 14.94
N PHE A 69 -6.48 1.45 14.18
CA PHE A 69 -7.80 1.17 14.73
C PHE A 69 -7.75 0.05 15.78
N PHE A 70 -7.16 -1.10 15.42
CA PHE A 70 -7.13 -2.23 16.33
C PHE A 70 -5.96 -2.19 17.30
N ARG A 71 -5.04 -1.22 17.16
CA ARG A 71 -3.83 -1.14 17.99
C ARG A 71 -2.94 -2.37 17.81
N PHE A 72 -2.84 -2.88 16.58
CA PHE A 72 -1.90 -3.96 16.28
C PHE A 72 -0.47 -3.43 16.27
N PRO A 73 0.50 -4.23 16.72
CA PRO A 73 1.91 -3.81 16.64
C PRO A 73 2.39 -3.87 15.20
N ALA A 74 3.50 -3.16 14.96
CA ALA A 74 4.09 -3.07 13.62
C ALA A 74 5.06 -4.24 13.39
N ARG A 75 4.50 -5.44 13.33
CA ARG A 75 5.26 -6.66 13.12
C ARG A 75 4.31 -7.76 12.70
N LEU A 76 4.88 -8.94 12.41
CA LEU A 76 4.09 -10.12 12.06
C LEU A 76 3.01 -10.39 13.11
N LEU A 77 1.78 -10.63 12.64
CA LEU A 77 0.67 -10.93 13.53
C LEU A 77 0.41 -12.44 13.46
N ARG A 78 0.97 -13.15 14.43
CA ARG A 78 0.88 -14.60 14.41
C ARG A 78 -0.57 -15.01 14.61
N TYR A 79 -0.94 -16.12 13.97
CA TYR A 79 -2.32 -16.53 13.85
C TYR A 79 -3.00 -16.63 15.22
N ARG A 80 -3.99 -15.77 15.47
CA ARG A 80 -4.78 -15.77 16.72
C ARG A 80 -3.89 -15.74 17.97
N HIS A 81 -2.73 -15.12 17.87
CA HIS A 81 -1.76 -15.15 18.96
C HIS A 81 -2.06 -14.05 19.99
N PRO A 82 -2.20 -14.39 21.28
CA PRO A 82 -2.65 -13.38 22.27
C PRO A 82 -1.62 -12.29 22.56
N GLU A 83 -0.34 -12.51 22.25
CA GLU A 83 0.66 -11.45 22.40
C GLU A 83 0.63 -10.45 21.26
N ASP A 84 0.18 -10.86 20.08
CA ASP A 84 0.10 -9.97 18.94
C ASP A 84 -1.28 -9.34 18.76
N ILE A 85 -2.34 -10.05 19.11
CA ILE A 85 -3.70 -9.60 18.84
C ILE A 85 -4.42 -9.49 20.19
N ARG A 86 -4.49 -8.27 20.73
CA ARG A 86 -5.04 -8.08 22.07
C ARG A 86 -6.37 -7.33 21.97
N PRO A 87 -7.47 -7.89 22.44
CA PRO A 87 -8.75 -7.17 22.38
C PRO A 87 -8.71 -5.97 23.32
N PRO A 88 -9.52 -4.95 23.06
CA PRO A 88 -9.51 -3.76 23.93
C PRO A 88 -10.08 -4.06 25.31
N GLY A 89 -9.72 -3.19 26.26
CA GLY A 89 -10.11 -3.33 27.64
C GLY A 89 -11.61 -3.31 27.86
N PRO A 90 -12.04 -3.62 29.09
CA PRO A 90 -13.49 -3.78 29.33
C PRO A 90 -14.30 -2.51 29.14
N HIS A 91 -13.72 -1.33 29.39
CA HIS A 91 -14.46 -0.07 29.31
C HIS A 91 -13.77 0.90 28.35
N SER A 92 -13.27 0.41 27.28
CA SER A 92 -12.58 1.32 26.40
C SER A 92 -13.48 1.75 25.24
N PRO A 93 -13.24 2.93 24.66
CA PRO A 93 -14.01 3.33 23.49
C PRO A 93 -13.82 2.42 22.30
N LEU A 94 -12.65 1.78 22.17
CA LEU A 94 -12.42 0.86 21.08
C LEU A 94 -13.34 -0.35 21.19
N ARG A 95 -13.50 -0.87 22.41
CA ARG A 95 -14.40 -2.00 22.59
C ARG A 95 -15.82 -1.64 22.19
N LYS A 96 -16.28 -0.45 22.63
CA LYS A 96 -17.62 0.01 22.25
C LYS A 96 -17.78 0.09 20.74
N ALA A 97 -16.76 0.60 20.05
CA ALA A 97 -16.84 0.77 18.60
C ALA A 97 -16.89 -0.59 17.91
N ILE A 98 -16.11 -1.55 18.39
CA ILE A 98 -16.12 -2.86 17.77
C ILE A 98 -17.41 -3.60 18.10
N GLU A 99 -17.91 -3.46 19.33
CA GLU A 99 -19.15 -4.14 19.68
C GLU A 99 -20.33 -3.62 18.87
N GLN A 100 -20.39 -2.30 18.63
CA GLN A 100 -21.51 -1.69 17.93
C GLN A 100 -21.33 -1.67 16.42
N MET A 101 -20.15 -2.03 15.92
CA MET A 101 -19.90 -2.02 14.47
C MET A 101 -20.89 -2.94 13.77
N GLU A 102 -21.41 -2.49 12.64
CA GLU A 102 -22.15 -3.40 11.77
C GLU A 102 -21.41 -3.72 10.48
N VAL A 103 -20.66 -2.76 9.93
CA VAL A 103 -19.99 -2.92 8.65
C VAL A 103 -18.52 -2.48 8.79
N LEU A 104 -17.63 -3.27 8.22
CA LEU A 104 -16.22 -2.88 8.08
C LEU A 104 -15.92 -2.72 6.60
N ILE A 105 -15.53 -1.51 6.19
CA ILE A 105 -15.12 -1.26 4.82
C ILE A 105 -13.60 -1.23 4.80
N LEU A 106 -13.00 -2.13 4.02
CA LEU A 106 -11.54 -2.26 3.93
C LEU A 106 -11.11 -1.87 2.51
N ASP A 107 -10.54 -0.68 2.37
CA ASP A 107 -10.08 -0.21 1.06
C ASP A 107 -8.67 -0.71 0.76
N GLU A 108 -8.32 -0.73 -0.53
CA GLU A 108 -7.02 -1.23 -1.03
C GLU A 108 -6.71 -2.60 -0.46
N VAL A 109 -7.66 -3.53 -0.60
CA VAL A 109 -7.51 -4.84 0.02
C VAL A 109 -6.34 -5.60 -0.59
N GLY A 110 -6.02 -5.36 -1.87
CA GLY A 110 -4.88 -6.02 -2.49
C GLY A 110 -3.57 -5.76 -1.79
N MET A 111 -3.47 -4.66 -1.04
CA MET A 111 -2.26 -4.37 -0.27
C MET A 111 -2.29 -4.93 1.16
N VAL A 112 -3.35 -5.65 1.56
CA VAL A 112 -3.49 -6.15 2.92
C VAL A 112 -2.79 -7.50 2.98
N ARG A 113 -1.77 -7.61 3.83
CA ARG A 113 -1.12 -8.91 3.95
C ARG A 113 -2.02 -9.88 4.73
N VAL A 114 -1.80 -11.19 4.51
CA VAL A 114 -2.76 -12.20 4.99
C VAL A 114 -2.89 -12.13 6.50
N ASP A 115 -1.75 -11.94 7.21
CA ASP A 115 -1.81 -11.96 8.66
C ASP A 115 -2.59 -10.77 9.20
N LEU A 116 -2.53 -9.64 8.48
CA LEU A 116 -3.32 -8.48 8.91
C LEU A 116 -4.82 -8.75 8.77
N LEU A 117 -5.25 -9.35 7.66
CA LEU A 117 -6.67 -9.65 7.50
C LEU A 117 -7.11 -10.68 8.53
N GLU A 118 -6.28 -11.69 8.78
CA GLU A 118 -6.61 -12.70 9.78
C GLU A 118 -6.68 -12.11 11.18
N ALA A 119 -5.82 -11.13 11.47
CA ALA A 119 -5.86 -10.50 12.78
C ALA A 119 -7.13 -9.66 12.96
N MET A 120 -7.59 -8.99 11.89
CA MET A 120 -8.89 -8.31 11.95
C MET A 120 -10.01 -9.29 12.27
N ASP A 121 -10.03 -10.43 11.58
CA ASP A 121 -11.02 -11.46 11.85
C ASP A 121 -10.99 -11.88 13.32
N TRP A 122 -9.82 -12.25 13.83
CA TRP A 122 -9.75 -12.71 15.21
C TRP A 122 -10.11 -11.60 16.19
N ALA A 123 -9.58 -10.39 15.99
CA ALA A 123 -9.88 -9.29 16.91
C ALA A 123 -11.37 -9.03 16.99
N LEU A 124 -12.05 -9.07 15.85
CA LEU A 124 -13.49 -8.82 15.86
C LEU A 124 -14.24 -9.96 16.54
N ARG A 125 -13.85 -11.21 16.28
CA ARG A 125 -14.50 -12.37 16.90
C ARG A 125 -14.35 -12.33 18.41
N LYS A 126 -13.12 -12.15 18.89
CA LYS A 126 -12.86 -12.12 20.33
C LYS A 126 -13.60 -10.99 21.01
N THR A 127 -13.43 -9.77 20.50
CA THR A 127 -14.02 -8.61 21.17
C THR A 127 -15.54 -8.71 21.21
N ARG A 128 -16.14 -9.26 20.16
CA ARG A 128 -17.60 -9.34 20.10
C ARG A 128 -18.12 -10.63 20.71
N LYS A 129 -17.22 -11.49 21.18
CA LYS A 129 -17.58 -12.79 21.76
C LYS A 129 -18.50 -13.57 20.81
N ARG A 130 -18.14 -13.56 19.54
CA ARG A 130 -18.80 -14.39 18.53
C ARG A 130 -17.67 -15.13 17.81
N LEU A 131 -17.21 -16.21 18.43
CA LEU A 131 -16.00 -16.86 17.95
C LEU A 131 -16.27 -17.81 16.80
N GLU A 132 -17.54 -18.12 16.54
CA GLU A 132 -17.93 -19.03 15.47
C GLU A 132 -18.30 -18.33 14.18
N GLU A 133 -18.28 -17.00 14.14
CA GLU A 133 -18.70 -16.27 12.95
C GLU A 133 -17.54 -15.46 12.40
N PRO A 134 -17.24 -15.56 11.10
CA PRO A 134 -16.19 -14.74 10.50
C PRO A 134 -16.41 -13.27 10.79
N PHE A 135 -15.34 -12.62 11.24
CA PHE A 135 -15.34 -11.20 11.59
C PHE A 135 -16.36 -10.89 12.69
N GLY A 136 -16.69 -11.90 13.50
CA GLY A 136 -17.65 -11.71 14.57
C GLY A 136 -19.01 -11.27 14.10
N GLY A 137 -19.39 -11.63 12.88
CA GLY A 137 -20.69 -11.23 12.36
C GLY A 137 -20.71 -9.89 11.67
N VAL A 138 -19.57 -9.19 11.63
CA VAL A 138 -19.48 -7.92 10.95
C VAL A 138 -19.53 -8.16 9.44
N LYS A 139 -20.31 -7.33 8.73
CA LYS A 139 -20.35 -7.38 7.27
C LYS A 139 -19.12 -6.66 6.72
N VAL A 140 -18.28 -7.39 5.99
CA VAL A 140 -17.03 -6.83 5.47
C VAL A 140 -17.20 -6.49 3.99
N LEU A 141 -16.82 -5.25 3.63
CA LEU A 141 -16.82 -4.81 2.23
C LEU A 141 -15.37 -4.54 1.85
N LEU A 142 -14.78 -5.45 1.09
CA LEU A 142 -13.42 -5.28 0.59
C LEU A 142 -13.46 -4.54 -0.73
N LEU A 143 -12.61 -3.54 -0.89
CA LEU A 143 -12.53 -2.83 -2.16
C LEU A 143 -11.08 -2.76 -2.60
N GLY A 144 -10.87 -2.74 -3.90
CA GLY A 144 -9.56 -2.43 -4.42
C GLY A 144 -9.22 -3.34 -5.58
N ASP A 145 -8.18 -2.94 -6.30
CA ASP A 145 -7.66 -3.73 -7.40
C ASP A 145 -6.87 -4.90 -6.85
N THR A 146 -7.13 -6.07 -7.40
CA THR A 146 -6.34 -7.24 -7.10
C THR A 146 -4.91 -7.21 -7.68
N ARG A 147 -4.54 -6.16 -8.44
CA ARG A 147 -3.29 -6.06 -9.18
C ARG A 147 -2.40 -4.98 -8.57
N GLN A 148 -1.51 -5.41 -7.67
CA GLN A 148 -0.63 -4.52 -6.94
C GLN A 148 0.71 -5.21 -6.77
N LEU A 149 1.68 -4.49 -6.19
CA LEU A 149 2.86 -5.16 -5.67
C LEU A 149 2.46 -6.12 -4.55
N GLU A 150 3.22 -7.21 -4.39
CA GLU A 150 2.93 -8.14 -3.31
C GLU A 150 3.18 -7.51 -1.94
N PRO A 151 2.46 -7.95 -0.90
CA PRO A 151 2.71 -7.43 0.45
C PRO A 151 4.16 -7.67 0.85
N VAL A 152 4.66 -6.81 1.73
CA VAL A 152 6.03 -6.92 2.19
C VAL A 152 6.21 -8.19 3.01
N VAL A 153 7.20 -9.00 2.64
CA VAL A 153 7.50 -10.20 3.41
C VAL A 153 9.00 -10.26 3.66
N PRO A 154 9.48 -9.89 4.85
CA PRO A 154 10.93 -9.94 5.12
C PRO A 154 11.43 -11.38 5.06
N GLY A 155 12.71 -11.53 4.74
CA GLY A 155 13.34 -12.83 4.69
C GLY A 155 13.47 -13.44 6.08
N GLY A 156 13.85 -14.71 6.08
CA GLY A 156 14.11 -15.39 7.35
C GLY A 156 12.89 -16.10 7.91
N GLU A 157 12.86 -16.25 9.23
CA GLU A 157 11.82 -17.07 9.85
C GLU A 157 10.44 -16.47 9.64
N GLU A 158 10.33 -15.15 9.48
CA GLU A 158 9.02 -14.57 9.22
C GLU A 158 8.43 -15.08 7.91
N ALA A 159 9.24 -15.12 6.85
CA ALA A 159 8.74 -15.60 5.57
C ALA A 159 8.33 -17.06 5.66
N LEU A 160 9.13 -17.87 6.36
CA LEU A 160 8.81 -19.28 6.49
C LEU A 160 7.52 -19.47 7.27
N TYR A 161 7.31 -18.67 8.32
CA TYR A 161 6.07 -18.73 9.08
C TYR A 161 4.87 -18.44 8.19
N ILE A 162 4.94 -17.39 7.38
CA ILE A 162 3.83 -17.02 6.51
C ILE A 162 3.55 -18.13 5.52
N ALA A 163 4.62 -18.72 4.96
CA ALA A 163 4.43 -19.84 4.02
C ALA A 163 3.81 -21.05 4.70
N ARG A 164 4.28 -21.38 5.92
CA ARG A 164 3.79 -22.55 6.64
C ARG A 164 2.33 -22.37 7.06
N THR A 165 1.96 -21.15 7.46
CA THR A 165 0.67 -20.89 8.08
C THR A 165 -0.42 -20.66 7.04
N TRP A 166 -0.10 -19.96 5.95
CA TRP A 166 -1.11 -19.57 4.97
C TRP A 166 -0.76 -19.96 3.51
N GLY A 167 0.48 -20.34 3.22
CA GLY A 167 0.90 -20.67 1.87
C GLY A 167 1.34 -19.50 1.03
N GLY A 168 1.35 -18.29 1.59
CA GLY A 168 1.65 -17.10 0.84
C GLY A 168 1.14 -15.88 1.60
N PRO A 169 1.44 -14.68 1.12
CA PRO A 169 1.12 -13.45 1.84
C PRO A 169 -0.18 -12.73 1.46
N PHE A 170 -0.93 -13.22 0.47
CA PHE A 170 -2.02 -12.46 -0.12
C PHE A 170 -3.30 -12.61 0.70
N PHE A 171 -4.14 -11.57 0.63
CA PHE A 171 -5.34 -11.55 1.46
C PHE A 171 -6.25 -12.73 1.17
N PHE A 172 -6.26 -13.24 -0.08
CA PHE A 172 -7.13 -14.36 -0.41
C PHE A 172 -6.58 -15.70 0.11
N GLN A 173 -5.42 -15.71 0.77
CA GLN A 173 -4.90 -16.93 1.39
C GLN A 173 -5.25 -17.00 2.88
N ALA A 174 -6.06 -16.07 3.36
CA ALA A 174 -6.52 -16.13 4.75
C ALA A 174 -7.48 -17.30 4.97
N HIS A 175 -7.39 -17.91 6.16
CA HIS A 175 -8.25 -19.05 6.45
C HIS A 175 -9.69 -18.63 6.69
N VAL A 176 -9.94 -17.35 6.97
CA VAL A 176 -11.32 -16.94 7.25
C VAL A 176 -12.20 -17.23 6.04
N TRP A 177 -11.64 -17.18 4.84
CA TRP A 177 -12.44 -17.42 3.64
C TRP A 177 -12.89 -18.85 3.50
N GLU A 178 -12.28 -19.78 4.24
CA GLU A 178 -12.80 -21.15 4.27
C GLU A 178 -14.16 -21.23 4.97
N GLU A 179 -14.56 -20.19 5.71
CA GLU A 179 -15.79 -20.19 6.49
C GLU A 179 -16.88 -19.27 5.94
N VAL A 180 -16.57 -18.40 5.00
CA VAL A 180 -17.56 -17.49 4.44
C VAL A 180 -17.26 -17.34 2.95
N ALA A 181 -18.31 -17.29 2.15
CA ALA A 181 -18.16 -17.06 0.72
C ALA A 181 -18.02 -15.56 0.46
N LEU A 182 -17.12 -15.22 -0.45
CA LEU A 182 -16.88 -13.84 -0.83
C LEU A 182 -17.66 -13.55 -2.11
N ARG A 183 -18.69 -12.72 -2.03
CA ARG A 183 -19.39 -12.29 -3.24
C ARG A 183 -18.53 -11.24 -3.95
N VAL A 184 -18.42 -11.37 -5.27
CA VAL A 184 -17.49 -10.55 -6.06
C VAL A 184 -18.30 -9.65 -6.98
N HIS A 185 -17.93 -8.36 -7.01
CA HIS A 185 -18.61 -7.36 -7.82
C HIS A 185 -17.56 -6.58 -8.59
N ARG A 186 -17.64 -6.64 -9.93
CA ARG A 186 -16.61 -6.04 -10.77
C ARG A 186 -17.00 -4.63 -11.18
N LEU A 187 -16.01 -3.73 -11.15
CA LEU A 187 -16.10 -2.42 -11.78
C LEU A 187 -15.18 -2.46 -13.00
N TRP A 188 -15.75 -2.29 -14.19
CA TRP A 188 -14.98 -2.34 -15.43
C TRP A 188 -14.66 -0.96 -15.97
N GLU A 189 -15.57 0.01 -15.81
CA GLU A 189 -15.35 1.35 -16.31
C GLU A 189 -14.26 2.06 -15.52
N SER A 190 -13.60 2.99 -16.19
CA SER A 190 -12.55 3.78 -15.56
C SER A 190 -12.40 5.09 -16.30
N GLN A 191 -11.92 6.08 -15.56
CA GLN A 191 -11.59 7.38 -16.12
C GLN A 191 -10.65 7.24 -17.31
N ARG A 192 -9.67 6.32 -17.22
CA ARG A 192 -8.68 6.20 -18.28
C ARG A 192 -9.32 5.74 -19.58
N GLN A 193 -10.38 4.94 -19.49
CA GLN A 193 -11.07 4.52 -20.71
C GLN A 193 -11.67 5.70 -21.45
N ARG A 194 -12.02 6.77 -20.73
CA ARG A 194 -12.47 7.98 -21.41
C ARG A 194 -11.33 8.89 -21.81
N GLU A 195 -10.33 9.06 -20.92
CA GLU A 195 -9.27 10.04 -21.16
C GLU A 195 -8.22 9.52 -22.14
N ASP A 196 -7.92 8.22 -22.11
CA ASP A 196 -6.89 7.64 -22.97
C ASP A 196 -7.28 6.20 -23.26
N PRO A 197 -8.19 6.00 -24.23
CA PRO A 197 -8.67 4.65 -24.54
C PRO A 197 -7.55 3.70 -24.93
N LEU A 198 -6.56 4.19 -25.67
CA LEU A 198 -5.43 3.35 -26.05
C LEU A 198 -4.67 2.88 -24.82
N PHE A 199 -4.36 3.81 -23.91
CA PHE A 199 -3.63 3.45 -22.69
C PHE A 199 -4.39 2.38 -21.91
N ALA A 200 -5.70 2.55 -21.76
CA ALA A 200 -6.52 1.59 -21.01
C ALA A 200 -6.50 0.21 -21.68
N GLU A 201 -6.60 0.19 -23.02
CA GLU A 201 -6.58 -1.09 -23.74
C GLU A 201 -5.23 -1.79 -23.56
N LEU A 202 -4.13 -1.05 -23.67
CA LEU A 202 -2.81 -1.62 -23.43
C LEU A 202 -2.69 -2.15 -22.01
N LEU A 203 -3.13 -1.36 -21.03
CA LEU A 203 -3.03 -1.79 -19.64
C LEU A 203 -3.82 -3.08 -19.42
N LYS A 204 -5.02 -3.17 -19.99
CA LYS A 204 -5.83 -4.38 -19.86
C LYS A 204 -5.08 -5.59 -20.40
N ARG A 205 -4.42 -5.44 -21.54
CA ARG A 205 -3.67 -6.57 -22.09
C ARG A 205 -2.47 -6.89 -21.21
N LEU A 206 -1.81 -5.89 -20.64
CA LEU A 206 -0.69 -6.16 -19.73
C LEU A 206 -1.16 -6.81 -18.43
N ARG A 207 -2.34 -6.46 -17.95
CA ARG A 207 -2.93 -7.20 -16.83
C ARG A 207 -3.10 -8.67 -17.18
N GLN A 208 -3.52 -8.96 -18.42
CA GLN A 208 -3.71 -10.32 -18.90
C GLN A 208 -2.40 -11.00 -19.27
N GLY A 209 -1.26 -10.36 -19.04
CA GLY A 209 0.03 -10.96 -19.29
C GLY A 209 0.46 -11.05 -20.73
N ASP A 210 -0.16 -10.27 -21.61
CA ASP A 210 0.15 -10.31 -23.03
C ASP A 210 1.36 -9.44 -23.33
N PRO A 211 2.54 -10.02 -23.61
CA PRO A 211 3.72 -9.19 -23.90
C PRO A 211 3.62 -8.42 -25.22
N GLN A 212 2.74 -8.81 -26.14
CA GLN A 212 2.66 -8.09 -27.40
C GLN A 212 2.24 -6.63 -27.20
N ALA A 213 1.48 -6.35 -26.14
CA ALA A 213 1.12 -4.96 -25.85
C ALA A 213 2.34 -4.10 -25.55
N LEU A 214 3.47 -4.72 -25.13
CA LEU A 214 4.68 -3.94 -24.88
C LEU A 214 5.17 -3.25 -26.14
N GLU A 215 4.89 -3.82 -27.31
CA GLU A 215 5.40 -3.23 -28.55
C GLU A 215 4.82 -1.84 -28.74
N THR A 216 3.51 -1.70 -28.58
CA THR A 216 2.88 -0.39 -28.73
C THR A 216 3.31 0.55 -27.60
N LEU A 217 3.39 0.05 -26.37
CA LEU A 217 3.85 0.86 -25.23
C LEU A 217 5.25 1.41 -25.48
N ASN A 218 6.16 0.56 -25.94
CA ASN A 218 7.53 0.99 -26.21
C ASN A 218 7.57 2.00 -27.35
N ARG A 219 6.83 1.73 -28.44
CA ARG A 219 6.81 2.69 -29.54
C ARG A 219 6.29 4.05 -29.07
N ALA A 220 5.30 4.04 -28.19
CA ALA A 220 4.70 5.30 -27.76
C ALA A 220 5.58 6.03 -26.75
N ALA A 221 6.25 5.31 -25.86
CA ALA A 221 6.77 5.92 -24.65
C ALA A 221 8.28 5.93 -24.50
N VAL A 222 9.03 5.17 -25.29
CA VAL A 222 10.48 5.16 -25.11
C VAL A 222 11.01 6.51 -25.54
N ARG A 223 11.54 7.29 -24.62
CA ARG A 223 12.15 8.56 -24.95
C ARG A 223 13.22 8.84 -23.91
N PRO A 224 14.49 8.59 -24.24
CA PRO A 224 15.52 8.60 -23.19
C PRO A 224 15.71 9.95 -22.52
N ASP A 225 15.40 11.05 -23.20
CA ASP A 225 15.59 12.37 -22.60
C ASP A 225 14.40 12.82 -21.76
N GLY A 226 13.39 11.96 -21.58
CA GLY A 226 12.18 12.36 -20.89
C GLY A 226 12.39 12.70 -19.43
N GLY A 227 13.47 12.20 -18.82
CA GLY A 227 13.74 12.54 -17.44
C GLY A 227 14.29 13.95 -17.26
N GLU A 228 14.76 14.57 -18.34
CA GLU A 228 15.30 15.92 -18.31
C GLU A 228 14.23 16.99 -18.48
N GLU A 229 12.95 16.62 -18.45
CA GLU A 229 11.90 17.57 -18.71
C GLU A 229 11.32 18.09 -17.40
N PRO A 230 10.89 19.35 -17.39
CA PRO A 230 10.36 19.93 -16.15
C PRO A 230 9.12 19.17 -15.66
N GLY A 231 8.91 19.23 -14.36
CA GLY A 231 7.76 18.60 -13.74
C GLY A 231 7.72 17.10 -13.83
N THR A 232 8.87 16.45 -13.97
CA THR A 232 8.94 15.00 -14.19
C THR A 232 9.56 14.32 -12.98
N LEU A 233 8.78 13.48 -12.32
CA LEU A 233 9.31 12.62 -11.27
C LEU A 233 9.90 11.36 -11.90
N ILE A 234 11.10 10.97 -11.44
CA ILE A 234 11.80 9.84 -12.01
C ILE A 234 11.55 8.60 -11.15
N LEU A 235 11.18 7.48 -11.77
CA LEU A 235 10.99 6.23 -11.04
C LEU A 235 12.10 5.27 -11.43
N THR A 236 12.63 4.54 -10.44
CA THR A 236 13.67 3.55 -10.66
C THR A 236 13.26 2.23 -10.00
N PRO A 237 13.68 1.09 -10.53
CA PRO A 237 13.39 -0.17 -9.81
C PRO A 237 14.15 -0.27 -8.51
N ARG A 238 15.37 0.28 -8.41
CA ARG A 238 16.25 0.07 -7.28
C ARG A 238 16.65 1.38 -6.62
N ARG A 239 17.01 1.27 -5.34
CA ARG A 239 17.34 2.44 -4.51
C ARG A 239 18.63 3.12 -4.94
N LYS A 240 19.65 2.36 -5.33
CA LYS A 240 20.95 2.95 -5.66
C LYS A 240 20.83 3.99 -6.75
N GLU A 241 20.06 3.69 -7.80
CA GLU A 241 19.93 4.62 -8.92
C GLU A 241 19.08 5.83 -8.54
N ALA A 242 18.02 5.63 -7.75
CA ALA A 242 17.26 6.79 -7.27
C ALA A 242 18.12 7.68 -6.38
N ASP A 243 18.93 7.06 -5.51
CA ASP A 243 19.83 7.85 -4.65
C ASP A 243 20.80 8.66 -5.48
N ALA A 244 21.35 8.08 -6.55
CA ALA A 244 22.29 8.83 -7.38
C ALA A 244 21.60 10.02 -8.05
N LEU A 245 20.39 9.80 -8.57
CA LEU A 245 19.65 10.88 -9.18
C LEU A 245 19.35 11.97 -8.16
N ASN A 246 18.88 11.58 -6.96
CA ASN A 246 18.58 12.57 -5.93
C ASN A 246 19.82 13.33 -5.52
N LEU A 247 20.97 12.65 -5.45
CA LEU A 247 22.20 13.33 -5.06
C LEU A 247 22.57 14.38 -6.09
N LYS A 248 22.45 14.05 -7.38
CA LYS A 248 22.78 15.02 -8.42
C LYS A 248 21.91 16.27 -8.31
N ARG A 249 20.59 16.09 -8.15
CA ARG A 249 19.68 17.23 -8.02
C ARG A 249 20.00 18.05 -6.77
N LEU A 250 20.29 17.39 -5.65
CA LEU A 250 20.59 18.09 -4.41
C LEU A 250 21.84 18.95 -4.55
N GLU A 251 22.88 18.42 -5.19
CA GLU A 251 24.13 19.17 -5.33
C GLU A 251 23.96 20.36 -6.27
N ALA A 252 23.14 20.22 -7.31
CA ALA A 252 22.89 21.33 -8.23
C ALA A 252 22.03 22.43 -7.59
N LEU A 253 21.21 22.08 -6.62
CA LEU A 253 20.30 23.04 -5.99
C LEU A 253 21.08 24.09 -5.21
N PRO A 254 20.94 25.38 -5.52
CA PRO A 254 21.66 26.39 -4.74
C PRO A 254 21.06 26.51 -3.35
N GLY A 255 21.90 26.87 -2.38
CA GLY A 255 21.49 26.94 -0.99
C GLY A 255 22.40 26.16 -0.05
N LYS A 256 22.38 26.50 1.23
CA LYS A 256 23.27 25.90 2.21
C LYS A 256 22.73 24.55 2.67
N PRO A 257 23.55 23.49 2.67
CA PRO A 257 23.08 22.18 3.12
C PRO A 257 23.13 22.02 4.64
N LEU A 258 22.31 21.11 5.12
CA LEU A 258 22.32 20.71 6.53
C LEU A 258 22.19 19.19 6.61
N GLU A 259 23.06 18.57 7.40
CA GLU A 259 23.06 17.11 7.53
C GLU A 259 22.32 16.69 8.79
N TYR A 260 21.47 15.68 8.65
CA TYR A 260 20.77 15.04 9.76
C TYR A 260 21.41 13.67 9.96
N GLN A 261 22.01 13.45 11.13
CA GLN A 261 22.74 12.22 11.39
C GLN A 261 21.88 11.26 12.20
N ALA A 262 21.63 10.08 11.66
CA ALA A 262 20.85 9.09 12.40
C ALA A 262 21.64 8.57 13.59
N GLN A 263 20.91 8.11 14.59
CA GLN A 263 21.47 7.41 15.75
C GLN A 263 20.99 5.98 15.74
N VAL A 264 21.95 5.05 15.81
CA VAL A 264 21.68 3.62 15.75
C VAL A 264 22.06 3.03 17.09
N LYS A 265 21.20 2.19 17.65
CA LYS A 265 21.47 1.46 18.88
C LYS A 265 21.33 -0.03 18.59
N GLY A 266 22.18 -0.85 19.21
CA GLY A 266 22.06 -2.29 19.08
C GLY A 266 22.42 -2.73 17.67
N GLU A 267 21.72 -3.75 17.16
CA GLU A 267 22.02 -4.32 15.85
C GLU A 267 21.02 -3.81 14.83
N PHE A 268 21.51 -3.03 13.87
CA PHE A 268 20.64 -2.48 12.84
C PHE A 268 21.51 -2.28 11.61
N ALA A 269 21.44 -3.23 10.67
CA ALA A 269 22.30 -3.16 9.48
C ALA A 269 21.88 -2.03 8.57
N GLU A 270 22.87 -1.37 7.97
CA GLU A 270 22.60 -0.22 7.12
C GLU A 270 21.68 -0.59 5.96
N THR A 271 21.77 -1.82 5.45
CA THR A 271 20.85 -2.24 4.38
C THR A 271 19.39 -2.23 4.82
N ASP A 272 19.11 -2.22 6.13
CA ASP A 272 17.74 -2.14 6.62
C ASP A 272 17.31 -0.73 7.01
N PHE A 273 18.20 0.25 6.93
CA PHE A 273 17.84 1.62 7.31
C PHE A 273 16.64 2.10 6.48
N PRO A 274 15.59 2.67 7.11
CA PRO A 274 14.45 3.15 6.32
C PRO A 274 14.70 4.46 5.59
N THR A 275 15.78 5.19 5.93
CA THR A 275 16.23 6.33 5.16
C THR A 275 17.73 6.46 5.39
N GLU A 276 18.34 7.48 4.79
CA GLU A 276 19.79 7.65 4.88
C GLU A 276 20.22 7.94 6.31
N ALA A 277 21.34 7.32 6.72
CA ALA A 277 21.89 7.63 8.03
C ALA A 277 22.51 9.01 8.05
N ALA A 278 23.06 9.45 6.91
CA ALA A 278 23.63 10.80 6.76
C ALA A 278 22.75 11.51 5.74
N LEU A 279 21.71 12.17 6.21
CA LEU A 279 20.71 12.76 5.34
C LEU A 279 21.01 14.25 5.18
N THR A 280 21.50 14.64 4.01
CA THR A 280 21.74 16.05 3.69
C THR A 280 20.55 16.64 2.95
N LEU A 281 20.06 17.78 3.44
CA LEU A 281 18.92 18.48 2.87
C LEU A 281 19.30 19.93 2.57
N LYS A 282 18.52 20.56 1.72
CA LYS A 282 18.61 21.99 1.45
C LYS A 282 17.20 22.52 1.38
N LYS A 283 17.06 23.82 1.65
CA LYS A 283 15.76 24.47 1.46
C LYS A 283 15.32 24.34 0.01
N GLY A 284 14.07 23.95 -0.20
CA GLY A 284 13.56 23.70 -1.52
C GLY A 284 13.71 22.28 -2.01
N ALA A 285 14.45 21.43 -1.28
CA ALA A 285 14.62 20.06 -1.71
C ALA A 285 13.26 19.35 -1.80
N GLN A 286 13.09 18.55 -2.86
CA GLN A 286 11.92 17.68 -2.97
C GLN A 286 12.12 16.45 -2.10
N VAL A 287 11.17 16.19 -1.20
CA VAL A 287 11.27 15.11 -0.22
C VAL A 287 9.97 14.34 -0.21
N ILE A 288 10.03 13.18 0.43
CA ILE A 288 8.85 12.40 0.76
C ILE A 288 8.94 12.05 2.25
N LEU A 289 7.82 12.17 2.94
CA LEU A 289 7.77 11.86 4.36
C LEU A 289 7.56 10.34 4.54
N LEU A 290 8.10 9.82 5.64
CA LEU A 290 8.25 8.38 5.78
C LEU A 290 7.48 7.79 6.96
N ARG A 291 6.66 8.58 7.65
CA ARG A 291 5.88 8.08 8.78
C ARG A 291 4.52 8.75 8.77
N ASN A 292 3.53 8.06 9.35
CA ASN A 292 2.20 8.62 9.49
C ASN A 292 2.14 9.44 10.77
N ASP A 293 1.75 10.69 10.64
CA ASP A 293 1.58 11.56 11.80
C ASP A 293 0.44 11.02 12.64
N PRO A 294 0.65 10.71 13.92
CA PRO A 294 -0.47 10.32 14.77
C PRO A 294 -1.57 11.35 14.83
N LEU A 295 -1.25 12.63 14.62
CA LEU A 295 -2.26 13.68 14.58
C LEU A 295 -2.88 13.87 13.20
N GLY A 296 -2.49 13.05 12.21
CA GLY A 296 -3.15 13.06 10.92
C GLY A 296 -2.83 14.22 10.00
N GLU A 297 -1.77 14.98 10.27
CA GLU A 297 -1.40 16.09 9.40
C GLU A 297 -0.52 15.67 8.22
N TYR A 298 0.13 14.52 8.29
CA TYR A 298 0.89 14.05 7.14
C TYR A 298 0.96 12.55 7.22
N PHE A 299 1.36 11.94 6.10
CA PHE A 299 1.36 10.49 5.98
C PHE A 299 2.64 10.01 5.33
N ASN A 300 2.97 8.76 5.59
CA ASN A 300 4.06 8.12 4.87
C ASN A 300 3.70 8.11 3.40
N GLY A 301 4.54 8.77 2.58
CA GLY A 301 4.23 8.93 1.17
C GLY A 301 3.88 10.32 0.75
N ASP A 302 3.67 11.25 1.70
CA ASP A 302 3.44 12.66 1.39
C ASP A 302 4.68 13.31 0.76
N LEU A 303 4.53 13.84 -0.45
CA LEU A 303 5.55 14.63 -1.10
C LEU A 303 5.50 16.08 -0.63
N GLY A 304 6.65 16.72 -0.64
CA GLY A 304 6.69 18.12 -0.26
C GLY A 304 8.05 18.71 -0.54
N TRP A 305 8.20 19.97 -0.11
CA TRP A 305 9.45 20.70 -0.23
C TRP A 305 9.94 21.14 1.14
N VAL A 306 11.25 21.05 1.35
CA VAL A 306 11.83 21.54 2.60
C VAL A 306 11.70 23.05 2.65
N GLU A 307 11.19 23.55 3.77
CA GLU A 307 11.01 24.99 3.97
C GLU A 307 11.95 25.57 5.03
N ASP A 308 12.16 24.88 6.16
CA ASP A 308 13.07 25.28 7.23
C ASP A 308 13.95 24.09 7.59
N LEU A 309 15.22 24.34 7.91
CA LEU A 309 16.15 23.29 8.33
C LEU A 309 16.81 23.71 9.64
N GLU A 310 16.56 22.97 10.71
CA GLU A 310 17.15 23.33 12.00
C GLU A 310 17.64 22.05 12.68
N ALA A 311 18.28 22.23 13.84
CA ALA A 311 18.77 21.09 14.61
C ALA A 311 17.62 20.20 15.05
N GLU A 312 17.59 18.97 14.53
CA GLU A 312 16.62 17.92 14.88
C GLU A 312 15.18 18.35 14.61
N ALA A 313 14.98 19.24 13.64
CA ALA A 313 13.63 19.68 13.33
C ALA A 313 13.67 20.39 12.00
N LEU A 314 12.68 20.10 11.15
CA LEU A 314 12.58 20.78 9.88
C LEU A 314 11.11 21.01 9.57
N ALA A 315 10.85 21.95 8.67
CA ALA A 315 9.50 22.24 8.21
C ALA A 315 9.39 21.85 6.74
N VAL A 316 8.31 21.15 6.40
CA VAL A 316 8.05 20.70 5.04
C VAL A 316 6.72 21.30 4.60
N ARG A 317 6.70 21.85 3.39
CA ARG A 317 5.48 22.33 2.75
C ARG A 317 4.91 21.19 1.90
N LEU A 318 3.71 20.74 2.22
CA LEU A 318 3.15 19.57 1.55
C LEU A 318 2.58 19.90 0.18
N LYS A 319 2.87 19.03 -0.79
CA LYS A 319 2.30 19.21 -2.11
C LYS A 319 0.80 18.95 -2.08
N ARG A 320 0.35 18.01 -1.25
CA ARG A 320 -1.03 17.56 -1.27
C ARG A 320 -2.00 18.70 -0.90
N ASN A 321 -1.68 19.47 0.13
CA ASN A 321 -2.59 20.52 0.59
C ASN A 321 -1.93 21.88 0.82
N GLY A 322 -0.65 22.05 0.49
CA GLY A 322 -0.01 23.34 0.70
C GLY A 322 0.21 23.73 2.14
N ARG A 323 0.06 22.79 3.07
CA ARG A 323 0.24 23.12 4.48
C ARG A 323 1.68 22.84 4.92
N ARG A 324 2.05 23.51 6.00
CA ARG A 324 3.38 23.38 6.57
C ARG A 324 3.27 22.40 7.73
N VAL A 325 4.18 21.42 7.78
CA VAL A 325 4.26 20.49 8.90
C VAL A 325 5.69 20.51 9.44
N VAL A 326 5.81 20.34 10.75
CA VAL A 326 7.11 20.34 11.41
C VAL A 326 7.47 18.89 11.72
N ILE A 327 8.66 18.48 11.27
CA ILE A 327 9.09 17.08 11.34
C ILE A 327 10.26 16.96 12.32
N ARG A 328 10.22 15.95 13.18
CA ARG A 328 11.24 15.67 14.14
C ARG A 328 11.61 14.18 14.02
N PRO A 329 12.71 13.75 14.66
CA PRO A 329 13.13 12.35 14.48
C PRO A 329 12.08 11.36 14.95
N PHE A 330 12.01 10.22 14.24
CA PHE A 330 11.25 9.06 14.65
C PHE A 330 12.22 7.91 14.91
N VAL A 331 11.74 6.89 15.63
CA VAL A 331 12.53 5.69 15.90
C VAL A 331 11.86 4.48 15.23
N TRP A 332 12.63 3.76 14.42
CA TRP A 332 12.22 2.46 13.89
C TRP A 332 12.95 1.35 14.63
N GLU A 333 12.28 0.21 14.79
CA GLU A 333 12.88 -0.93 15.47
C GLU A 333 13.27 -2.00 14.47
N LYS A 334 14.35 -2.69 14.78
CA LYS A 334 14.76 -3.87 14.00
C LYS A 334 14.35 -5.12 14.78
N ILE A 335 13.52 -5.97 14.17
CA ILE A 335 13.02 -7.17 14.82
C ILE A 335 13.64 -8.38 14.14
N VAL A 336 14.07 -9.33 14.96
CA VAL A 336 14.53 -10.65 14.50
C VAL A 336 13.65 -11.71 15.15
N TYR A 337 13.28 -12.73 14.38
CA TYR A 337 12.54 -13.87 14.90
C TYR A 337 13.48 -15.06 15.08
N THR A 338 13.50 -15.60 16.28
CA THR A 338 14.27 -16.80 16.55
C THR A 338 13.33 -18.00 16.49
N TYR A 339 13.78 -19.05 15.82
CA TYR A 339 13.03 -20.30 15.72
C TYR A 339 13.37 -21.19 16.91
N ASP A 340 12.33 -21.74 17.56
CA ASP A 340 12.57 -22.50 18.79
C ASP A 340 13.22 -23.84 18.50
N SER A 341 12.70 -24.56 17.50
CA SER A 341 13.15 -25.88 17.03
C SER A 341 12.74 -27.03 17.94
N GLU A 342 11.83 -26.84 18.90
CA GLU A 342 11.10 -27.96 19.48
C GLU A 342 9.59 -27.72 19.41
N ARG A 343 9.16 -26.45 19.46
CA ARG A 343 7.79 -26.11 19.11
C ARG A 343 7.77 -25.47 17.73
N GLU A 344 6.58 -25.11 17.24
CA GLU A 344 6.57 -24.25 16.06
C GLU A 344 7.22 -22.91 16.42
N GLU A 345 6.52 -22.12 17.24
CA GLU A 345 7.06 -21.16 18.20
C GLU A 345 8.26 -20.32 17.73
N ILE A 346 8.03 -19.42 16.83
CA ILE A 346 9.01 -18.36 16.62
C ILE A 346 8.60 -17.20 17.50
N LYS A 347 9.58 -16.40 17.92
CA LYS A 347 9.30 -15.32 18.81
C LYS A 347 10.03 -14.07 18.34
N PRO A 348 9.36 -12.92 18.34
CA PRO A 348 10.02 -11.68 17.93
C PRO A 348 10.92 -11.15 19.03
N GLN A 349 11.95 -10.44 18.61
CA GLN A 349 12.87 -9.78 19.53
C GLN A 349 13.38 -8.52 18.87
N VAL A 350 13.21 -7.37 19.52
CA VAL A 350 13.79 -6.14 19.02
C VAL A 350 15.28 -6.16 19.35
N VAL A 351 16.11 -6.02 18.32
CA VAL A 351 17.55 -6.10 18.49
C VAL A 351 18.26 -4.79 18.17
N GLY A 352 17.57 -3.82 17.59
CA GLY A 352 18.21 -2.55 17.30
C GLY A 352 17.17 -1.47 17.08
N THR A 353 17.64 -0.22 17.08
CA THR A 353 16.78 0.92 16.77
C THR A 353 17.53 1.89 15.88
N PHE A 354 16.76 2.64 15.12
CA PHE A 354 17.30 3.63 14.17
C PHE A 354 16.49 4.91 14.32
N ARG A 355 17.15 6.00 14.70
CA ARG A 355 16.46 7.26 14.99
C ARG A 355 16.89 8.32 13.98
N GLN A 356 15.93 8.89 13.26
CA GLN A 356 16.23 9.79 12.14
C GLN A 356 14.98 10.58 11.79
N VAL A 357 15.17 11.76 11.20
CA VAL A 357 13.98 12.45 10.71
C VAL A 357 13.35 11.61 9.60
N PRO A 358 12.04 11.43 9.58
CA PRO A 358 11.37 10.54 8.58
C PRO A 358 11.22 11.21 7.22
N VAL A 359 12.36 11.41 6.56
CA VAL A 359 12.45 12.16 5.32
C VAL A 359 13.38 11.42 4.38
N ARG A 360 13.03 11.42 3.10
CA ARG A 360 13.89 10.90 2.05
C ARG A 360 13.77 11.84 0.86
N LEU A 361 14.89 12.06 0.16
CA LEU A 361 14.86 12.85 -1.07
C LEU A 361 13.95 12.19 -2.10
N ALA A 362 13.30 13.01 -2.94
CA ALA A 362 12.21 12.48 -3.76
C ALA A 362 12.12 13.05 -5.16
N TRP A 363 13.22 13.55 -5.75
CA TRP A 363 13.19 13.80 -7.19
C TRP A 363 13.08 12.50 -7.96
N ALA A 364 13.66 11.44 -7.40
CA ALA A 364 13.51 10.07 -7.87
C ALA A 364 12.99 9.22 -6.71
N LEU A 365 12.09 8.30 -7.06
CA LEU A 365 11.54 7.34 -6.11
C LEU A 365 11.67 5.96 -6.73
N THR A 366 11.71 4.93 -5.88
CA THR A 366 11.51 3.60 -6.42
C THR A 366 10.06 3.44 -6.86
N VAL A 367 9.84 2.53 -7.80
CA VAL A 367 8.47 2.15 -8.16
C VAL A 367 7.75 1.67 -6.92
N HIS A 368 8.43 0.88 -6.08
CA HIS A 368 7.80 0.36 -4.87
C HIS A 368 7.32 1.50 -3.98
N LYS A 369 8.13 2.56 -3.82
CA LYS A 369 7.72 3.66 -2.98
C LYS A 369 6.58 4.45 -3.61
N ALA A 370 6.51 4.48 -4.95
CA ALA A 370 5.50 5.25 -5.64
C ALA A 370 4.16 4.56 -5.72
N GLN A 371 4.05 3.31 -5.28
CA GLN A 371 2.75 2.66 -5.33
C GLN A 371 1.80 3.42 -4.42
N GLY A 372 0.59 3.66 -4.89
CA GLY A 372 -0.34 4.47 -4.12
C GLY A 372 -0.22 5.96 -4.31
N LEU A 373 0.75 6.43 -5.08
CA LEU A 373 0.85 7.84 -5.42
C LEU A 373 0.32 8.08 -6.82
N THR A 374 -0.35 9.22 -7.02
CA THR A 374 -0.78 9.62 -8.34
C THR A 374 0.06 10.81 -8.80
N LEU A 375 0.76 10.65 -9.91
CA LEU A 375 1.74 11.64 -10.35
C LEU A 375 1.30 12.28 -11.65
N ASP A 376 1.85 13.48 -11.91
CA ASP A 376 1.51 14.23 -13.12
C ASP A 376 2.26 13.69 -14.34
N LYS A 377 3.58 13.59 -14.21
CA LYS A 377 4.47 13.17 -15.30
C LYS A 377 5.55 12.30 -14.68
N VAL A 378 5.82 11.13 -15.28
CA VAL A 378 6.85 10.24 -14.76
C VAL A 378 7.77 9.79 -15.88
N HIS A 379 9.01 9.52 -15.51
CA HIS A 379 10.00 8.92 -16.41
C HIS A 379 10.57 7.71 -15.70
N LEU A 380 10.45 6.54 -16.33
CA LEU A 380 10.97 5.30 -15.77
C LEU A 380 12.39 5.07 -16.24
N GLU A 381 13.35 5.25 -15.34
CA GLU A 381 14.75 4.93 -15.60
C GLU A 381 14.91 3.45 -15.23
N LEU A 382 15.00 2.59 -16.25
CA LEU A 382 14.87 1.16 -16.00
C LEU A 382 16.10 0.54 -15.37
N GLY A 383 17.28 1.13 -15.58
CA GLY A 383 18.48 0.63 -14.93
C GLY A 383 18.72 -0.83 -15.28
N ARG A 384 18.90 -1.65 -14.24
CA ARG A 384 19.09 -3.09 -14.43
C ARG A 384 17.78 -3.84 -14.59
N GLY A 385 16.65 -3.17 -14.56
CA GLY A 385 15.40 -3.75 -15.00
C GLY A 385 14.42 -4.00 -13.85
N LEU A 386 13.17 -4.20 -14.25
CA LEU A 386 12.11 -4.53 -13.32
C LEU A 386 12.25 -5.98 -12.89
N PHE A 387 11.89 -6.26 -11.64
CA PHE A 387 12.18 -7.55 -11.05
C PHE A 387 11.02 -8.16 -10.28
N ALA A 388 9.92 -7.44 -10.04
CA ALA A 388 8.89 -7.95 -9.13
C ALA A 388 7.53 -8.07 -9.82
N HIS A 389 6.72 -9.00 -9.29
CA HIS A 389 5.29 -9.10 -9.60
C HIS A 389 4.62 -7.72 -9.53
N GLY A 390 3.92 -7.37 -10.59
CA GLY A 390 3.13 -6.15 -10.64
C GLY A 390 3.91 -4.86 -10.77
N GLN A 391 5.25 -4.92 -10.81
CA GLN A 391 6.06 -3.71 -10.74
C GLN A 391 5.91 -2.86 -11.98
N LEU A 392 5.87 -3.47 -13.17
CA LEU A 392 5.65 -2.71 -14.39
C LEU A 392 4.27 -2.06 -14.37
N TYR A 393 3.27 -2.83 -13.97
CA TYR A 393 1.91 -2.35 -13.95
C TYR A 393 1.75 -1.15 -13.01
N VAL A 394 2.33 -1.24 -11.81
CA VAL A 394 2.27 -0.13 -10.86
C VAL A 394 3.01 1.08 -11.42
N ALA A 395 4.17 0.87 -12.05
CA ALA A 395 4.91 2.00 -12.62
C ALA A 395 4.08 2.72 -13.69
N LEU A 396 3.43 1.96 -14.57
CA LEU A 396 2.70 2.57 -15.67
C LEU A 396 1.48 3.34 -15.17
N THR A 397 0.84 2.85 -14.12
CA THR A 397 -0.43 3.40 -13.68
C THR A 397 -0.29 4.56 -12.72
N ARG A 398 0.93 5.06 -12.50
CA ARG A 398 1.09 6.27 -11.70
C ARG A 398 0.58 7.51 -12.41
N VAL A 399 0.39 7.46 -13.73
CA VAL A 399 -0.05 8.63 -14.49
C VAL A 399 -1.39 8.34 -15.15
N ARG A 400 -2.07 9.41 -15.57
CA ARG A 400 -3.39 9.30 -16.16
C ARG A 400 -3.34 8.91 -17.64
N ARG A 401 -2.39 9.43 -18.39
CA ARG A 401 -2.35 9.25 -19.83
C ARG A 401 -0.99 8.73 -20.27
N LEU A 402 -0.99 8.00 -21.38
CA LEU A 402 0.26 7.45 -21.90
C LEU A 402 1.27 8.55 -22.21
N GLN A 403 0.80 9.71 -22.66
CA GLN A 403 1.71 10.82 -22.94
C GLN A 403 2.36 11.38 -21.68
N ASP A 404 1.82 11.08 -20.49
CA ASP A 404 2.47 11.53 -19.26
C ASP A 404 3.61 10.62 -18.82
N LEU A 405 3.93 9.59 -19.60
CA LEU A 405 4.91 8.60 -19.23
C LEU A 405 6.03 8.59 -20.26
N SER A 406 7.27 8.38 -19.82
CA SER A 406 8.35 8.06 -20.75
C SER A 406 9.27 7.03 -20.11
N LEU A 407 9.95 6.27 -20.97
CA LEU A 407 10.81 5.16 -20.59
C LEU A 407 12.23 5.42 -21.08
N SER A 408 13.21 5.00 -20.28
CA SER A 408 14.60 5.13 -20.69
C SER A 408 14.98 4.17 -21.81
N ARG A 409 14.26 3.06 -21.96
CA ARG A 409 14.54 2.05 -22.97
C ARG A 409 13.31 1.17 -23.10
N PRO A 410 13.21 0.36 -24.15
CA PRO A 410 12.04 -0.52 -24.27
C PRO A 410 11.96 -1.50 -23.11
N ILE A 411 10.74 -1.71 -22.63
CA ILE A 411 10.44 -2.77 -21.66
C ILE A 411 10.54 -4.12 -22.34
N ALA A 412 11.27 -5.07 -21.70
CA ALA A 412 11.44 -6.41 -22.25
C ALA A 412 10.34 -7.34 -21.72
N PRO A 413 10.06 -8.46 -22.39
CA PRO A 413 9.05 -9.39 -21.87
C PRO A 413 9.38 -9.97 -20.49
N THR A 414 10.66 -10.07 -20.12
CA THR A 414 11.02 -10.55 -18.79
C THR A 414 10.58 -9.61 -17.67
N GLU A 415 10.18 -8.39 -17.98
CA GLU A 415 9.77 -7.43 -16.96
C GLU A 415 8.26 -7.39 -16.74
N LEU A 416 7.48 -8.15 -17.54
CA LEU A 416 6.04 -8.27 -17.35
C LEU A 416 5.78 -9.49 -16.49
N LEU A 417 5.61 -9.28 -15.18
CA LEU A 417 5.65 -10.34 -14.19
C LEU A 417 4.35 -10.34 -13.41
N TRP A 418 3.72 -11.50 -13.33
CA TRP A 418 2.58 -11.73 -12.45
C TRP A 418 2.78 -13.09 -11.81
N ARG A 419 2.61 -13.15 -10.50
CA ARG A 419 2.72 -14.42 -9.78
C ARG A 419 1.59 -15.35 -10.21
N PRO A 420 1.90 -16.62 -10.47
CA PRO A 420 0.85 -17.54 -10.94
C PRO A 420 -0.25 -17.77 -9.93
N GLU A 421 0.06 -17.79 -8.64
CA GLU A 421 -1.00 -18.00 -7.66
C GLU A 421 -1.97 -16.82 -7.63
N VAL A 422 -1.50 -15.63 -8.02
CA VAL A 422 -2.40 -14.50 -8.13
C VAL A 422 -3.27 -14.60 -9.38
N GLU A 423 -2.68 -15.05 -10.49
CA GLU A 423 -3.50 -15.32 -11.67
C GLU A 423 -4.57 -16.39 -11.40
N VAL A 424 -4.23 -17.41 -10.61
CA VAL A 424 -5.24 -18.43 -10.32
C VAL A 424 -6.41 -17.81 -9.57
N PHE A 425 -6.12 -16.96 -8.58
CA PHE A 425 -7.19 -16.32 -7.83
C PHE A 425 -8.02 -15.44 -8.73
N GLU A 426 -7.38 -14.71 -9.64
CA GLU A 426 -8.12 -13.85 -10.57
C GLU A 426 -9.08 -14.67 -11.42
N THR A 427 -8.61 -15.79 -11.99
CA THR A 427 -9.51 -16.58 -12.83
C THR A 427 -10.72 -17.07 -12.04
N ARG A 428 -10.56 -17.27 -10.73
CA ARG A 428 -11.64 -17.83 -9.94
C ARG A 428 -12.65 -16.79 -9.48
N ILE A 429 -12.28 -15.52 -9.45
CA ILE A 429 -13.23 -14.49 -9.04
C ILE A 429 -13.89 -13.90 -10.28
N GLN A 430 -13.76 -14.59 -11.41
CA GLN A 430 -14.52 -14.20 -12.59
C GLN A 430 -15.98 -14.62 -12.47
N GLU A 431 -16.29 -15.51 -11.52
CA GLU A 431 -17.61 -16.12 -11.44
C GLU A 431 -18.65 -15.25 -10.74
N GLY A 432 -18.24 -14.28 -9.92
CA GLY A 432 -19.19 -13.49 -9.17
C GLY A 432 -19.43 -13.96 -7.75
N ILE A 433 -18.76 -15.02 -7.33
CA ILE A 433 -18.73 -15.48 -5.94
C ILE A 433 -17.56 -16.44 -5.83
N TRP A 434 -16.88 -16.41 -4.68
CA TRP A 434 -15.65 -17.19 -4.48
C TRP A 434 -15.64 -17.81 -3.09
N GLN A 435 -15.38 -19.11 -3.05
CA GLN A 435 -15.35 -19.89 -1.81
C GLN A 435 -13.98 -20.57 -1.73
N LYS A 436 -13.19 -20.19 -0.73
CA LYS A 436 -11.88 -20.82 -0.54
C LYS A 436 -12.01 -22.24 -0.02
N SER A 437 -11.15 -23.12 -0.54
CA SER A 437 -11.19 -24.55 -0.26
C SER A 437 -10.60 -24.86 1.12
N HIS A 438 -10.79 -26.11 1.53
CA HIS A 438 -10.43 -26.66 2.84
C HIS A 438 -11.30 -26.08 3.95
#